data_3DXI
#
_entry.id   3DXI
#
_cell.length_a   57.258
_cell.length_b   65.639
_cell.length_c   177.835
_cell.angle_alpha   90.00
_cell.angle_beta   90.00
_cell.angle_gamma   90.00
#
_symmetry.space_group_name_H-M   'P 21 21 21'
#
loop_
_entity.id
_entity.type
_entity.pdbx_description
1 polymer 'Putative aldolase'
2 water water
#
_entity_poly.entity_id   1
_entity_poly.type   'polypeptide(L)'
_entity_poly.pdbx_seq_one_letter_code
;(MSE)SLKILDCTLRDGGYYTNWDFNSKIVDAYILA(MSE)NELPIDYLEVGYRNKPSKEY(MSE)GKFGYTPVSVLKHL
RNISTKKIAI(MSE)LNEKNTTPEDLNHLLLPIIGLVD(MSE)IRIAIDPQNIDRAIVLAKAIKT(MSE)GFEVGFNV
(MSE)Y(MSE)SKWAE(MSE)NGFLSKLKAIDKIADLFC(MSE)VDSFGGITPKEVKNLLKEVRKYTHVPVGFHGHDNLQ
LGLINSITAIDDGIDFIDATITG(MSE)GRGAGNLK(MSE)ELLLTYLNKHHGLNVDFNVLGNIITTFTPLLEKYQWGTN
LPY(MSE)LSGANNIPQKEV(MSE)DWVTNRVYSFNSIIRALDNRKNK(MSE)EEGHHHHHH
;
_entity_poly.pdbx_strand_id   A,B
#
# COMPACT_ATOMS: atom_id res chain seq x y z
N LEU A 3 15.52 12.23 -13.18
CA LEU A 3 15.06 10.94 -12.56
C LEU A 3 14.89 9.85 -13.60
N LYS A 4 15.51 8.70 -13.33
CA LYS A 4 15.40 7.56 -14.23
C LYS A 4 14.56 6.52 -13.53
N ILE A 5 13.63 5.91 -14.28
CA ILE A 5 12.76 4.87 -13.75
C ILE A 5 13.18 3.54 -14.35
N LEU A 6 13.43 2.56 -13.49
CA LEU A 6 13.85 1.24 -13.93
C LEU A 6 12.85 0.14 -13.56
N ASP A 7 12.47 -0.64 -14.55
CA ASP A 7 11.52 -1.73 -14.33
C ASP A 7 12.29 -3.05 -14.38
N CYS A 8 12.11 -3.87 -13.36
CA CYS A 8 12.77 -5.17 -13.28
C CYS A 8 11.81 -6.33 -13.17
N THR A 9 10.66 -6.21 -13.82
CA THR A 9 9.63 -7.25 -13.78
C THR A 9 10.14 -8.67 -14.08
N LEU A 10 10.76 -8.86 -15.23
CA LEU A 10 11.26 -10.19 -15.62
C LEU A 10 12.34 -10.77 -14.72
N ARG A 11 13.26 -9.92 -14.27
CA ARG A 11 14.37 -10.35 -13.42
C ARG A 11 13.90 -10.71 -12.02
N ASP A 12 13.07 -9.85 -11.45
CA ASP A 12 12.57 -10.04 -10.09
C ASP A 12 11.33 -10.92 -10.02
N GLY A 13 10.53 -10.94 -11.08
CA GLY A 13 9.33 -11.75 -11.08
C GLY A 13 9.53 -13.18 -11.57
N GLY A 14 10.68 -13.43 -12.20
CA GLY A 14 10.98 -14.76 -12.72
C GLY A 14 10.96 -15.86 -11.67
N TYR A 15 11.14 -15.47 -10.41
CA TYR A 15 11.14 -16.41 -9.30
C TYR A 15 10.05 -17.47 -9.41
N TYR A 16 8.82 -17.02 -9.66
CA TYR A 16 7.66 -17.89 -9.76
C TYR A 16 7.61 -18.86 -10.94
N THR A 17 8.24 -18.49 -12.05
CA THR A 17 8.20 -19.32 -13.26
C THR A 17 9.54 -19.90 -13.68
N ASN A 18 10.51 -19.93 -12.76
CA ASN A 18 11.85 -20.42 -13.05
C ASN A 18 12.47 -19.49 -14.07
N TRP A 19 12.03 -18.24 -14.09
CA TRP A 19 12.53 -17.24 -15.03
C TRP A 19 12.22 -17.61 -16.47
N ASP A 20 11.18 -18.39 -16.67
CA ASP A 20 10.77 -18.75 -18.02
C ASP A 20 9.59 -17.86 -18.38
N PHE A 21 9.67 -17.25 -19.55
CA PHE A 21 8.63 -16.37 -20.05
C PHE A 21 8.59 -16.62 -21.54
N ASN A 22 7.42 -16.96 -22.04
CA ASN A 22 7.24 -17.21 -23.47
C ASN A 22 7.36 -15.90 -24.25
N SER A 23 7.79 -16.00 -25.51
CA SER A 23 7.99 -14.83 -26.37
C SER A 23 6.81 -13.87 -26.47
N LYS A 24 5.59 -14.39 -26.35
CA LYS A 24 4.44 -13.52 -26.43
C LYS A 24 4.41 -12.53 -25.25
N ILE A 25 4.71 -13.01 -24.06
CA ILE A 25 4.71 -12.12 -22.91
C ILE A 25 5.93 -11.21 -23.00
N VAL A 26 7.08 -11.78 -23.35
CA VAL A 26 8.31 -11.02 -23.46
C VAL A 26 8.20 -9.88 -24.47
N ASP A 27 7.64 -10.16 -25.65
CA ASP A 27 7.49 -9.12 -26.66
C ASP A 27 6.49 -8.04 -26.24
N ALA A 28 5.37 -8.47 -25.66
CA ALA A 28 4.37 -7.51 -25.20
C ALA A 28 5.03 -6.59 -24.15
N TYR A 29 5.78 -7.19 -23.24
CA TYR A 29 6.48 -6.42 -22.20
C TYR A 29 7.45 -5.41 -22.83
N ILE A 30 8.40 -5.89 -23.62
CA ILE A 30 9.37 -5.00 -24.26
C ILE A 30 8.72 -3.86 -25.04
N LEU A 31 7.68 -4.15 -25.80
CA LEU A 31 7.01 -3.12 -26.58
C LEU A 31 6.24 -2.12 -25.71
N ALA A 32 5.67 -2.60 -24.62
CA ALA A 32 4.94 -1.71 -23.71
C ALA A 32 5.93 -0.74 -23.07
N ASN A 34 8.48 0.45 -24.32
CA ASN A 34 8.87 1.46 -25.30
C ASN A 34 7.92 2.66 -25.20
N GLU A 35 6.66 2.39 -24.85
CA GLU A 35 5.67 3.47 -24.77
C GLU A 35 5.33 3.95 -23.37
N LEU A 36 6.15 3.57 -22.39
CA LEU A 36 5.95 4.01 -21.01
C LEU A 36 7.17 4.83 -20.62
N PRO A 37 7.01 5.81 -19.71
CA PRO A 37 8.18 6.60 -19.31
C PRO A 37 9.16 5.85 -18.40
N ILE A 38 9.63 4.69 -18.87
CA ILE A 38 10.60 3.87 -18.13
C ILE A 38 11.91 3.86 -18.93
N ASP A 39 12.97 4.29 -18.25
CA ASP A 39 14.29 4.43 -18.86
C ASP A 39 15.17 3.19 -18.95
N TYR A 40 15.11 2.35 -17.92
CA TYR A 40 15.91 1.13 -17.86
C TYR A 40 15.04 -0.09 -17.66
N LEU A 41 15.46 -1.19 -18.27
CA LEU A 41 14.75 -2.45 -18.16
C LEU A 41 15.77 -3.53 -17.77
N GLU A 42 15.64 -4.08 -16.57
CA GLU A 42 16.54 -5.14 -16.13
C GLU A 42 15.75 -6.41 -16.44
N VAL A 43 16.14 -7.06 -17.53
CA VAL A 43 15.44 -8.24 -18.04
C VAL A 43 15.79 -9.60 -17.46
N GLY A 44 16.89 -9.69 -16.73
CA GLY A 44 17.25 -10.99 -16.18
C GLY A 44 18.65 -11.09 -15.62
N TYR A 45 19.04 -12.31 -15.29
CA TYR A 45 20.34 -12.61 -14.73
C TYR A 45 21.24 -13.26 -15.77
N ARG A 46 22.54 -13.25 -15.48
CA ARG A 46 23.54 -13.93 -16.28
C ARG A 46 24.08 -14.84 -15.17
N ASN A 47 24.21 -16.13 -15.46
CA ASN A 47 24.67 -17.07 -14.44
C ASN A 47 25.56 -18.16 -14.99
N LYS A 48 26.27 -18.82 -14.08
CA LYS A 48 27.11 -19.95 -14.43
C LYS A 48 26.11 -21.11 -14.28
N PRO A 49 26.44 -22.30 -14.81
CA PRO A 49 25.49 -23.41 -14.68
C PRO A 49 25.03 -23.67 -13.24
N SER A 50 23.71 -23.61 -13.04
CA SER A 50 23.11 -23.83 -11.72
C SER A 50 22.78 -25.30 -11.50
N LYS A 51 22.93 -25.75 -10.25
CA LYS A 51 22.65 -27.14 -9.91
C LYS A 51 21.16 -27.44 -10.13
N GLU A 52 20.30 -26.57 -9.62
CA GLU A 52 18.87 -26.75 -9.80
C GLU A 52 18.42 -25.93 -11.01
N TYR A 53 17.41 -26.43 -11.71
CA TYR A 53 16.89 -25.77 -12.90
C TYR A 53 16.62 -24.27 -12.77
N GLY A 55 15.45 -21.13 -15.59
CA GLY A 55 14.98 -20.90 -16.95
C GLY A 55 15.68 -19.82 -17.76
N LYS A 56 15.11 -19.54 -18.93
CA LYS A 56 15.64 -18.56 -19.86
C LYS A 56 16.25 -17.30 -19.25
N PHE A 57 15.46 -16.53 -18.52
CA PHE A 57 15.94 -15.28 -17.94
C PHE A 57 16.78 -15.37 -16.67
N GLY A 58 17.23 -16.58 -16.37
CA GLY A 58 18.11 -16.80 -15.24
C GLY A 58 19.50 -16.81 -15.85
N TYR A 59 19.54 -17.03 -17.16
CA TYR A 59 20.78 -17.09 -17.95
C TYR A 59 20.82 -15.99 -19.01
N THR A 60 19.66 -15.50 -19.41
CA THR A 60 19.53 -14.45 -20.43
C THR A 60 20.57 -14.61 -21.55
N PRO A 61 20.40 -15.65 -22.39
CA PRO A 61 21.32 -15.92 -23.50
C PRO A 61 21.42 -14.80 -24.53
N VAL A 62 22.54 -14.80 -25.26
CA VAL A 62 22.79 -13.81 -26.29
C VAL A 62 21.67 -13.73 -27.33
N SER A 63 21.20 -14.89 -27.79
CA SER A 63 20.13 -14.92 -28.78
C SER A 63 18.94 -14.08 -28.33
N VAL A 64 18.57 -14.20 -27.07
CA VAL A 64 17.44 -13.42 -26.55
C VAL A 64 17.77 -11.93 -26.49
N LEU A 65 18.97 -11.61 -26.01
CA LEU A 65 19.38 -10.21 -25.90
C LEU A 65 19.45 -9.49 -27.25
N LYS A 66 19.82 -10.19 -28.32
CA LYS A 66 19.88 -9.58 -29.63
C LYS A 66 18.49 -9.16 -30.08
N HIS A 67 17.50 -10.00 -29.79
CA HIS A 67 16.12 -9.73 -30.13
C HIS A 67 15.59 -8.54 -29.34
N LEU A 68 15.78 -8.59 -28.02
CA LEU A 68 15.32 -7.51 -27.15
C LEU A 68 15.97 -6.18 -27.51
N ARG A 69 17.28 -6.23 -27.80
CA ARG A 69 18.01 -5.03 -28.16
C ARG A 69 17.51 -4.48 -29.49
N ASN A 70 17.04 -5.38 -30.34
CA ASN A 70 16.52 -5.03 -31.66
C ASN A 70 15.20 -4.27 -31.59
N ILE A 71 14.31 -4.70 -30.71
CA ILE A 71 13.00 -4.08 -30.59
C ILE A 71 12.82 -3.05 -29.47
N SER A 72 13.73 -3.02 -28.50
CA SER A 72 13.63 -2.05 -27.40
C SER A 72 14.38 -0.74 -27.71
N THR A 73 13.76 0.38 -27.34
CA THR A 73 14.38 1.69 -27.54
C THR A 73 14.95 2.22 -26.22
N LYS A 74 14.88 1.41 -25.16
CA LYS A 74 15.37 1.82 -23.85
C LYS A 74 16.69 1.14 -23.48
N LYS A 75 17.27 1.52 -22.35
CA LYS A 75 18.52 0.91 -21.92
C LYS A 75 18.22 -0.45 -21.28
N ILE A 76 19.11 -1.40 -21.52
CA ILE A 76 18.94 -2.75 -21.01
C ILE A 76 19.98 -3.12 -19.96
N ALA A 77 19.53 -3.81 -18.92
CA ALA A 77 20.43 -4.24 -17.86
C ALA A 77 20.17 -5.69 -17.50
N ILE A 78 21.20 -6.34 -16.95
CA ILE A 78 21.07 -7.70 -16.46
C ILE A 78 21.73 -7.63 -15.08
N LEU A 80 23.93 -9.61 -11.80
CA LEU A 80 24.88 -10.65 -11.40
C LEU A 80 24.85 -10.71 -9.87
N ASN A 81 24.85 -11.92 -9.33
CA ASN A 81 24.87 -12.09 -7.88
C ASN A 81 26.35 -12.10 -7.47
N GLU A 82 26.78 -11.07 -6.75
CA GLU A 82 28.17 -10.93 -6.31
C GLU A 82 28.73 -12.17 -5.60
N LYS A 83 27.96 -12.74 -4.68
CA LYS A 83 28.41 -13.92 -3.95
C LYS A 83 28.69 -15.14 -4.84
N ASN A 84 28.22 -15.10 -6.08
CA ASN A 84 28.43 -16.21 -7.00
C ASN A 84 29.36 -15.85 -8.14
N THR A 85 29.95 -14.66 -8.09
CA THR A 85 30.80 -14.22 -9.18
C THR A 85 32.20 -13.74 -8.78
N THR A 86 33.21 -14.28 -9.45
CA THR A 86 34.59 -13.89 -9.19
C THR A 86 35.05 -13.12 -10.43
N PRO A 87 36.10 -12.30 -10.29
CA PRO A 87 36.56 -11.56 -11.48
C PRO A 87 36.87 -12.52 -12.64
N GLU A 88 37.30 -13.73 -12.30
CA GLU A 88 37.62 -14.74 -13.31
C GLU A 88 36.39 -15.23 -14.10
N ASP A 89 35.19 -15.03 -13.54
CA ASP A 89 33.96 -15.47 -14.21
C ASP A 89 33.41 -14.45 -15.22
N LEU A 90 33.86 -13.20 -15.11
CA LEU A 90 33.36 -12.13 -15.98
C LEU A 90 33.48 -12.37 -17.47
N ASN A 91 34.54 -13.03 -17.92
CA ASN A 91 34.70 -13.27 -19.36
C ASN A 91 33.53 -14.04 -19.98
N HIS A 92 33.19 -15.19 -19.43
CA HIS A 92 32.10 -15.95 -20.01
C HIS A 92 30.75 -15.30 -19.73
N LEU A 93 30.60 -14.68 -18.56
CA LEU A 93 29.34 -14.03 -18.20
C LEU A 93 28.99 -12.76 -18.96
N LEU A 94 29.97 -11.88 -19.15
CA LEU A 94 29.70 -10.61 -19.81
C LEU A 94 30.26 -10.36 -21.20
N LEU A 95 31.42 -10.93 -21.50
CA LEU A 95 32.05 -10.74 -22.80
C LEU A 95 31.09 -11.00 -23.96
N PRO A 96 30.30 -12.08 -23.88
CA PRO A 96 29.37 -12.36 -25.00
C PRO A 96 28.26 -11.33 -25.19
N ILE A 97 28.00 -10.50 -24.18
CA ILE A 97 26.91 -9.53 -24.28
C ILE A 97 27.32 -8.08 -24.47
N ILE A 98 28.58 -7.81 -24.79
CA ILE A 98 29.00 -6.44 -24.98
C ILE A 98 28.18 -5.85 -26.13
N GLY A 99 27.78 -4.60 -25.99
CA GLY A 99 26.98 -3.96 -27.02
C GLY A 99 25.50 -4.29 -26.98
N LEU A 100 25.15 -5.38 -26.30
CA LEU A 100 23.75 -5.79 -26.21
C LEU A 100 23.12 -5.30 -24.92
N VAL A 101 23.93 -5.17 -23.88
CA VAL A 101 23.45 -4.72 -22.57
C VAL A 101 24.19 -3.47 -22.14
N ASP A 102 23.42 -2.48 -21.67
CA ASP A 102 23.97 -1.20 -21.24
C ASP A 102 24.56 -1.21 -19.85
N ILE A 104 25.25 -3.40 -16.03
CA ILE A 104 25.39 -4.65 -15.29
C ILE A 104 25.16 -4.27 -13.83
N ARG A 105 24.08 -4.78 -13.25
CA ARG A 105 23.82 -4.49 -11.84
C ARG A 105 24.32 -5.66 -11.03
N ILE A 106 24.85 -5.36 -9.85
CA ILE A 106 25.40 -6.38 -8.97
C ILE A 106 24.62 -6.45 -7.66
N ALA A 107 24.09 -7.63 -7.33
CA ALA A 107 23.37 -7.80 -6.08
C ALA A 107 24.45 -8.01 -5.04
N ILE A 108 24.56 -7.06 -4.12
CA ILE A 108 25.61 -7.09 -3.10
C ILE A 108 25.17 -7.05 -1.65
N ASP A 109 25.81 -7.89 -0.83
CA ASP A 109 25.56 -7.90 0.61
C ASP A 109 26.60 -6.91 1.11
N PRO A 110 26.18 -5.85 1.83
CA PRO A 110 27.09 -4.82 2.36
C PRO A 110 28.38 -5.35 3.00
N GLN A 111 28.31 -6.58 3.50
CA GLN A 111 29.45 -7.25 4.12
C GLN A 111 30.58 -7.50 3.11
N ASN A 112 30.21 -7.62 1.83
CA ASN A 112 31.16 -7.88 0.75
C ASN A 112 31.35 -6.69 -0.21
N ILE A 113 31.10 -5.48 0.27
CA ILE A 113 31.25 -4.30 -0.58
C ILE A 113 32.65 -4.17 -1.21
N ASP A 114 33.70 -4.39 -0.43
CA ASP A 114 35.06 -4.28 -0.96
C ASP A 114 35.34 -5.28 -2.07
N ARG A 115 34.84 -6.50 -1.91
CA ARG A 115 35.05 -7.54 -2.93
C ARG A 115 34.25 -7.17 -4.18
N ALA A 116 33.08 -6.57 -3.97
CA ALA A 116 32.23 -6.16 -5.07
C ALA A 116 32.87 -5.03 -5.88
N ILE A 117 33.63 -4.17 -5.20
CA ILE A 117 34.31 -3.06 -5.86
C ILE A 117 35.36 -3.57 -6.85
N VAL A 118 35.99 -4.68 -6.49
CA VAL A 118 36.99 -5.31 -7.33
C VAL A 118 36.29 -5.81 -8.59
N LEU A 119 35.13 -6.42 -8.40
CA LEU A 119 34.34 -6.95 -9.51
C LEU A 119 33.89 -5.80 -10.40
N ALA A 120 33.31 -4.77 -9.78
CA ALA A 120 32.82 -3.59 -10.49
C ALA A 120 33.90 -2.97 -11.35
N LYS A 121 35.09 -2.81 -10.78
CA LYS A 121 36.22 -2.22 -11.49
C LYS A 121 36.49 -2.99 -12.78
N ALA A 122 36.48 -4.32 -12.70
CA ALA A 122 36.72 -5.16 -13.86
C ALA A 122 35.60 -5.01 -14.91
N ILE A 123 34.36 -4.95 -14.44
CA ILE A 123 33.22 -4.79 -15.35
C ILE A 123 33.30 -3.46 -16.09
N LYS A 124 33.81 -2.44 -15.41
CA LYS A 124 33.93 -1.12 -16.00
C LYS A 124 34.91 -1.07 -17.18
N THR A 125 35.96 -1.90 -17.12
CA THR A 125 36.94 -1.92 -18.20
C THR A 125 36.36 -2.59 -19.45
N GLY A 127 33.45 -1.77 -20.59
CA GLY A 127 32.59 -0.77 -21.23
C GLY A 127 31.14 -0.73 -20.82
N PHE A 128 30.80 -1.44 -19.75
CA PHE A 128 29.42 -1.48 -19.27
C PHE A 128 29.19 -0.41 -18.20
N GLU A 129 27.93 0.01 -18.06
CA GLU A 129 27.57 0.94 -16.98
C GLU A 129 27.50 -0.05 -15.81
N VAL A 130 27.87 0.38 -14.61
CA VAL A 130 27.83 -0.53 -13.46
C VAL A 130 26.90 -0.04 -12.36
N GLY A 131 26.03 -0.93 -11.90
CA GLY A 131 25.12 -0.59 -10.83
C GLY A 131 25.31 -1.44 -9.59
N PHE A 132 25.31 -0.80 -8.42
CA PHE A 132 25.45 -1.51 -7.16
C PHE A 132 24.08 -1.59 -6.50
N ASN A 133 23.56 -2.81 -6.33
CA ASN A 133 22.27 -2.98 -5.65
C ASN A 133 22.63 -3.57 -4.30
N VAL A 134 22.89 -2.69 -3.33
CA VAL A 134 23.29 -3.10 -1.98
C VAL A 134 22.10 -3.40 -1.07
N TYR A 136 20.04 -4.86 2.51
CA TYR A 136 19.93 -4.51 3.93
C TYR A 136 20.26 -3.07 4.30
N SER A 138 18.65 -1.30 5.95
CA SER A 138 18.18 -1.11 7.32
C SER A 138 19.27 -1.44 8.36
N LYS A 139 20.42 -1.90 7.88
CA LYS A 139 21.51 -2.26 8.78
C LYS A 139 22.75 -1.39 8.59
N TRP A 140 22.73 -0.57 7.55
CA TRP A 140 23.85 0.30 7.20
C TRP A 140 24.36 1.23 8.30
N ALA A 141 23.47 2.02 8.87
CA ALA A 141 23.80 2.99 9.92
C ALA A 141 24.62 2.43 11.08
N GLU A 142 24.40 1.16 11.41
CA GLU A 142 25.10 0.55 12.52
C GLU A 142 26.28 -0.31 12.10
N ASN A 144 29.85 -0.26 11.27
CA ASN A 144 30.98 0.64 11.41
C ASN A 144 31.88 0.70 10.19
N GLY A 145 32.07 1.91 9.69
CA GLY A 145 32.92 2.13 8.53
C GLY A 145 32.35 1.73 7.19
N PHE A 146 31.07 1.36 7.13
CA PHE A 146 30.49 0.97 5.85
C PHE A 146 30.34 2.16 4.91
N LEU A 147 29.64 3.19 5.37
CA LEU A 147 29.44 4.38 4.54
C LEU A 147 30.75 4.96 4.05
N SER A 148 31.80 4.86 4.86
CA SER A 148 33.11 5.38 4.50
C SER A 148 33.75 4.59 3.37
N LYS A 149 33.23 3.39 3.14
CA LYS A 149 33.77 2.53 2.08
C LYS A 149 33.15 2.85 0.73
N LEU A 150 32.21 3.79 0.70
CA LEU A 150 31.54 4.15 -0.54
C LEU A 150 32.33 5.12 -1.41
N LYS A 151 33.28 5.83 -0.82
CA LYS A 151 34.05 6.77 -1.64
C LYS A 151 34.83 6.02 -2.72
N ALA A 152 35.16 4.77 -2.45
CA ALA A 152 35.91 3.95 -3.41
C ALA A 152 35.15 3.62 -4.69
N ILE A 153 33.85 3.90 -4.73
CA ILE A 153 33.05 3.60 -5.91
C ILE A 153 32.82 4.81 -6.81
N ASP A 154 33.30 5.97 -6.38
CA ASP A 154 33.12 7.21 -7.13
C ASP A 154 33.47 7.18 -8.63
N LYS A 155 34.53 6.46 -8.99
CA LYS A 155 34.92 6.39 -10.40
C LYS A 155 34.40 5.16 -11.13
N ILE A 156 33.74 4.26 -10.40
CA ILE A 156 33.21 3.04 -11.01
C ILE A 156 31.69 2.99 -11.13
N ALA A 157 31.00 3.18 -10.02
CA ALA A 157 29.55 3.13 -10.01
C ALA A 157 28.85 4.16 -10.90
N ASP A 158 27.80 3.71 -11.58
CA ASP A 158 26.97 4.57 -12.42
C ASP A 158 25.64 4.65 -11.69
N LEU A 159 25.50 3.80 -10.69
CA LEU A 159 24.31 3.75 -9.87
C LEU A 159 24.56 3.01 -8.55
N PHE A 160 24.15 3.65 -7.45
CA PHE A 160 24.25 3.05 -6.13
C PHE A 160 22.80 2.92 -5.68
N CYS A 161 22.26 1.71 -5.77
CA CYS A 161 20.86 1.45 -5.42
C CYS A 161 20.65 0.93 -3.99
N VAL A 163 18.61 -0.91 -1.35
CA VAL A 163 17.56 -1.93 -1.37
C VAL A 163 16.85 -2.17 -0.03
N ASP A 164 15.55 -1.92 -0.03
CA ASP A 164 14.69 -2.11 1.14
C ASP A 164 14.41 -3.62 1.20
N SER A 165 15.47 -4.38 1.51
CA SER A 165 15.43 -5.84 1.56
C SER A 165 14.29 -6.50 2.32
N PHE A 166 13.99 -6.01 3.51
CA PHE A 166 12.94 -6.58 4.33
C PHE A 166 11.56 -5.99 4.07
N GLY A 167 11.52 -4.83 3.40
CA GLY A 167 10.25 -4.19 3.13
C GLY A 167 9.70 -3.55 4.39
N GLY A 168 10.60 -3.06 5.24
CA GLY A 168 10.18 -2.42 6.47
C GLY A 168 10.74 -1.03 6.67
N ILE A 169 11.46 -0.52 5.68
CA ILE A 169 12.03 0.82 5.76
C ILE A 169 10.92 1.88 5.68
N THR A 170 11.03 2.93 6.47
CA THR A 170 10.04 4.00 6.50
C THR A 170 10.53 5.25 5.75
N PRO A 171 9.62 6.17 5.40
CA PRO A 171 9.97 7.40 4.69
C PRO A 171 11.08 8.19 5.37
N LYS A 172 10.98 8.35 6.69
CA LYS A 172 11.99 9.07 7.45
C LYS A 172 13.36 8.44 7.28
N GLU A 173 13.44 7.11 7.39
CA GLU A 173 14.70 6.40 7.25
C GLU A 173 15.27 6.53 5.84
N VAL A 174 14.40 6.53 4.83
CA VAL A 174 14.85 6.66 3.45
C VAL A 174 15.50 8.04 3.24
N LYS A 175 14.88 9.09 3.79
CA LYS A 175 15.43 10.43 3.67
C LYS A 175 16.81 10.49 4.31
N ASN A 176 16.90 10.02 5.55
CA ASN A 176 18.16 10.04 6.29
C ASN A 176 19.29 9.29 5.58
N LEU A 177 18.98 8.08 5.12
CA LEU A 177 19.98 7.27 4.43
C LEU A 177 20.43 7.90 3.13
N LEU A 178 19.49 8.50 2.40
CA LEU A 178 19.83 9.16 1.14
C LEU A 178 20.81 10.28 1.46
N LYS A 179 20.45 11.12 2.44
CA LYS A 179 21.31 12.24 2.85
C LYS A 179 22.68 11.72 3.27
N GLU A 180 22.71 10.59 3.95
CA GLU A 180 23.98 10.00 4.40
C GLU A 180 24.84 9.54 3.22
N VAL A 181 24.23 8.81 2.30
CA VAL A 181 24.95 8.31 1.13
C VAL A 181 25.55 9.46 0.33
N ARG A 182 24.81 10.56 0.21
CA ARG A 182 25.30 11.72 -0.52
C ARG A 182 26.55 12.33 0.12
N LYS A 183 26.78 12.06 1.40
CA LYS A 183 27.96 12.59 2.10
C LYS A 183 29.20 11.74 1.80
N TYR A 184 28.99 10.50 1.40
CA TYR A 184 30.10 9.60 1.16
C TYR A 184 30.40 9.20 -0.27
N THR A 185 29.46 9.43 -1.18
CA THR A 185 29.70 9.10 -2.58
C THR A 185 29.04 10.14 -3.47
N HIS A 186 29.64 10.37 -4.65
CA HIS A 186 29.15 11.35 -5.60
C HIS A 186 28.29 10.71 -6.70
N VAL A 187 28.28 9.38 -6.75
CA VAL A 187 27.53 8.68 -7.78
C VAL A 187 26.01 8.76 -7.67
N PRO A 188 25.31 8.58 -8.79
CA PRO A 188 23.85 8.63 -8.82
C PRO A 188 23.32 7.62 -7.81
N VAL A 189 22.23 7.95 -7.12
CA VAL A 189 21.66 7.03 -6.13
C VAL A 189 20.27 6.57 -6.53
N GLY A 190 19.95 5.33 -6.17
CA GLY A 190 18.65 4.77 -6.48
C GLY A 190 18.01 4.12 -5.26
N PHE A 191 16.72 3.78 -5.39
CA PHE A 191 15.98 3.13 -4.32
C PHE A 191 15.13 2.00 -4.88
N HIS A 192 15.17 0.86 -4.21
CA HIS A 192 14.37 -0.29 -4.61
C HIS A 192 13.58 -0.70 -3.37
N GLY A 193 12.32 -0.33 -3.31
CA GLY A 193 11.53 -0.66 -2.15
C GLY A 193 10.71 -1.91 -2.29
N HIS A 194 10.41 -2.55 -1.16
CA HIS A 194 9.58 -3.73 -1.16
C HIS A 194 8.25 -3.32 -0.54
N ASP A 195 7.19 -4.07 -0.85
CA ASP A 195 5.86 -3.72 -0.37
C ASP A 195 5.31 -4.48 0.83
N ASN A 196 6.17 -5.01 1.68
CA ASN A 196 5.70 -5.75 2.84
C ASN A 196 4.73 -4.93 3.69
N LEU A 197 5.00 -3.63 3.83
CA LEU A 197 4.14 -2.74 4.59
C LEU A 197 3.41 -1.74 3.70
N GLN A 198 3.48 -2.00 2.39
CA GLN A 198 2.86 -1.13 1.39
C GLN A 198 3.36 0.31 1.48
N LEU A 199 4.65 0.46 1.81
CA LEU A 199 5.26 1.78 1.88
C LEU A 199 6.13 2.02 0.63
N GLY A 200 6.06 1.10 -0.32
CA GLY A 200 6.84 1.24 -1.54
C GLY A 200 6.62 2.56 -2.25
N LEU A 201 5.36 2.93 -2.46
CA LEU A 201 5.07 4.19 -3.15
C LEU A 201 5.53 5.41 -2.36
N ILE A 202 5.10 5.54 -1.12
CA ILE A 202 5.47 6.72 -0.35
C ILE A 202 6.98 6.82 -0.09
N ASN A 203 7.66 5.69 0.09
CA ASN A 203 9.11 5.74 0.29
C ASN A 203 9.75 6.26 -1.00
N SER A 204 9.29 5.77 -2.14
CA SER A 204 9.83 6.17 -3.43
C SER A 204 9.57 7.65 -3.72
N ILE A 205 8.35 8.10 -3.47
CA ILE A 205 8.02 9.51 -3.69
C ILE A 205 8.89 10.38 -2.78
N THR A 206 9.13 9.90 -1.56
CA THR A 206 9.95 10.64 -0.59
C THR A 206 11.37 10.81 -1.13
N ALA A 207 11.90 9.74 -1.70
CA ALA A 207 13.24 9.75 -2.28
C ALA A 207 13.26 10.66 -3.50
N ILE A 208 12.24 10.52 -4.35
CA ILE A 208 12.14 11.34 -5.55
C ILE A 208 12.16 12.83 -5.21
N ASP A 209 11.34 13.24 -4.24
CA ASP A 209 11.29 14.63 -3.86
C ASP A 209 12.58 15.14 -3.22
N ASP A 210 13.45 14.23 -2.79
CA ASP A 210 14.73 14.62 -2.21
C ASP A 210 15.87 14.52 -3.24
N GLY A 211 15.49 14.46 -4.52
CA GLY A 211 16.49 14.40 -5.57
C GLY A 211 17.12 13.08 -5.93
N ILE A 212 16.52 11.96 -5.54
CA ILE A 212 17.09 10.65 -5.87
C ILE A 212 17.16 10.51 -7.40
N ASP A 213 18.14 9.77 -7.88
CA ASP A 213 18.37 9.60 -9.32
C ASP A 213 17.67 8.41 -10.00
N PHE A 214 17.47 7.32 -9.25
CA PHE A 214 16.86 6.10 -9.79
C PHE A 214 15.80 5.49 -8.87
N ILE A 215 14.75 4.93 -9.47
CA ILE A 215 13.71 4.25 -8.71
C ILE A 215 13.37 2.94 -9.44
N ASP A 216 13.32 1.84 -8.69
CA ASP A 216 13.01 0.51 -9.19
C ASP A 216 11.54 0.16 -8.90
N ALA A 217 10.92 -0.56 -9.82
CA ALA A 217 9.53 -1.01 -9.65
C ALA A 217 9.29 -2.11 -10.67
N THR A 218 8.14 -2.78 -10.58
CA THR A 218 7.79 -3.85 -11.51
C THR A 218 6.28 -3.80 -11.79
N ILE A 219 5.87 -4.33 -12.93
CA ILE A 219 4.46 -4.37 -13.30
C ILE A 219 3.70 -5.27 -12.33
N THR A 220 2.67 -4.69 -11.69
CA THR A 220 1.82 -5.31 -10.68
C THR A 220 2.61 -5.65 -9.41
N GLY A 221 3.80 -5.08 -9.29
CA GLY A 221 4.64 -5.33 -8.12
C GLY A 221 5.22 -6.74 -8.08
N GLY A 223 7.12 -9.92 -7.79
CA GLY A 223 8.37 -10.18 -7.11
C GLY A 223 8.08 -11.22 -6.05
N ARG A 224 9.11 -11.84 -5.49
CA ARG A 224 8.86 -12.85 -4.47
C ARG A 224 8.23 -12.27 -3.21
N GLY A 225 7.40 -13.09 -2.55
CA GLY A 225 6.73 -12.65 -1.33
C GLY A 225 5.78 -11.49 -1.53
N ALA A 226 5.99 -10.44 -0.74
CA ALA A 226 5.15 -9.25 -0.78
C ALA A 226 5.38 -8.45 -2.05
N GLY A 227 6.47 -8.75 -2.76
CA GLY A 227 6.74 -8.06 -4.00
C GLY A 227 7.37 -6.69 -3.91
N ASN A 228 7.37 -6.00 -5.05
CA ASN A 228 7.97 -4.67 -5.16
C ASN A 228 6.93 -3.56 -5.31
N LEU A 229 7.42 -2.33 -5.46
CA LEU A 229 6.53 -1.21 -5.69
C LEU A 229 5.89 -1.48 -7.04
N LYS A 230 4.57 -1.27 -7.14
CA LYS A 230 3.87 -1.49 -8.40
C LYS A 230 4.16 -0.32 -9.34
N GLU A 232 2.78 0.57 -12.03
CA GLU A 232 1.57 1.29 -12.40
C GLU A 232 1.16 2.29 -11.32
N LEU A 233 1.44 1.98 -10.06
CA LEU A 233 1.09 2.89 -8.98
C LEU A 233 2.03 4.10 -9.00
N LEU A 234 3.30 3.85 -9.26
CA LEU A 234 4.30 4.91 -9.35
C LEU A 234 3.94 5.89 -10.46
N LEU A 235 3.71 5.36 -11.66
CA LEU A 235 3.38 6.18 -12.82
C LEU A 235 2.07 6.95 -12.64
N THR A 236 1.07 6.31 -12.04
CA THR A 236 -0.19 7.00 -11.83
C THR A 236 0.04 8.21 -10.91
N TYR A 237 0.77 7.98 -9.82
CA TYR A 237 1.06 9.05 -8.86
C TYR A 237 1.85 10.20 -9.50
N LEU A 238 2.91 9.85 -10.22
CA LEU A 238 3.76 10.85 -10.87
C LEU A 238 3.00 11.62 -11.95
N ASN A 239 2.08 10.96 -12.64
CA ASN A 239 1.31 11.64 -13.69
C ASN A 239 0.47 12.76 -13.09
N LYS A 240 -0.07 12.52 -11.89
CA LYS A 240 -0.89 13.51 -11.20
C LYS A 240 -0.07 14.59 -10.46
N HIS A 241 0.88 14.15 -9.65
CA HIS A 241 1.68 15.06 -8.83
C HIS A 241 3.02 15.56 -9.37
N HIS A 242 3.55 14.93 -10.41
CA HIS A 242 4.82 15.38 -10.95
C HIS A 242 4.78 15.72 -12.44
N GLY A 243 3.59 15.80 -12.99
CA GLY A 243 3.44 16.13 -14.40
C GLY A 243 4.04 15.14 -15.39
N LEU A 244 4.16 13.88 -15.00
CA LEU A 244 4.74 12.88 -15.88
C LEU A 244 3.70 12.38 -16.88
N ASN A 245 3.96 12.58 -18.17
CA ASN A 245 3.03 12.10 -19.18
C ASN A 245 3.09 10.58 -19.23
N VAL A 246 1.93 9.94 -19.19
CA VAL A 246 1.84 8.48 -19.22
C VAL A 246 0.74 7.98 -20.15
N ASP A 247 1.04 6.93 -20.92
CA ASP A 247 0.05 6.33 -21.80
C ASP A 247 -0.60 5.22 -20.98
N PHE A 248 -1.74 5.55 -20.39
CA PHE A 248 -2.45 4.60 -19.54
C PHE A 248 -3.07 3.42 -20.29
N ASN A 249 -3.31 3.59 -21.58
CA ASN A 249 -3.88 2.52 -22.37
C ASN A 249 -2.87 1.38 -22.40
N VAL A 250 -1.61 1.73 -22.67
CA VAL A 250 -0.53 0.75 -22.69
C VAL A 250 -0.32 0.18 -21.29
N LEU A 251 -0.35 1.03 -20.28
CA LEU A 251 -0.17 0.59 -18.91
C LEU A 251 -1.22 -0.47 -18.55
N GLY A 252 -2.48 -0.19 -18.87
CA GLY A 252 -3.54 -1.15 -18.60
C GLY A 252 -3.35 -2.45 -19.36
N ASN A 253 -2.91 -2.36 -20.61
CA ASN A 253 -2.69 -3.56 -21.41
C ASN A 253 -1.54 -4.42 -20.88
N ILE A 254 -0.46 -3.80 -20.43
CA ILE A 254 0.66 -4.58 -19.95
C ILE A 254 0.31 -5.22 -18.61
N ILE A 255 -0.57 -4.57 -17.84
CA ILE A 255 -1.00 -5.13 -16.57
C ILE A 255 -1.79 -6.40 -16.90
N THR A 256 -2.67 -6.29 -17.89
CA THR A 256 -3.49 -7.43 -18.32
C THR A 256 -2.62 -8.59 -18.78
N THR A 257 -1.52 -8.28 -19.47
CA THR A 257 -0.61 -9.32 -19.94
C THR A 257 -0.13 -10.17 -18.75
N PHE A 258 0.21 -9.52 -17.65
CA PHE A 258 0.72 -10.19 -16.47
C PHE A 258 -0.34 -10.68 -15.47
N THR A 259 -1.61 -10.43 -15.78
CA THR A 259 -2.69 -10.83 -14.89
C THR A 259 -2.89 -12.34 -14.73
N PRO A 260 -2.71 -13.13 -15.81
CA PRO A 260 -2.89 -14.58 -15.60
C PRO A 260 -1.88 -15.11 -14.57
N LEU A 261 -0.64 -14.64 -14.66
CA LEU A 261 0.39 -15.07 -13.71
C LEU A 261 0.09 -14.59 -12.29
N LEU A 262 -0.45 -13.38 -12.17
CA LEU A 262 -0.80 -12.82 -10.88
C LEU A 262 -1.92 -13.62 -10.22
N GLU A 263 -2.91 -14.04 -11.00
CA GLU A 263 -4.01 -14.81 -10.44
C GLU A 263 -3.54 -16.19 -10.01
N LYS A 264 -2.50 -16.69 -10.67
CA LYS A 264 -1.96 -17.99 -10.32
C LYS A 264 -1.01 -17.94 -9.12
N TYR A 265 -0.06 -17.01 -9.15
CA TYR A 265 0.94 -16.89 -8.07
C TYR A 265 0.62 -15.92 -6.95
N GLN A 266 -0.25 -14.96 -7.25
CA GLN A 266 -0.68 -13.97 -6.27
C GLN A 266 0.38 -13.37 -5.34
N TRP A 267 1.36 -12.66 -5.90
CA TRP A 267 2.35 -12.02 -5.06
C TRP A 267 1.63 -10.86 -4.37
N GLY A 268 2.19 -10.37 -3.27
CA GLY A 268 1.54 -9.29 -2.55
C GLY A 268 1.73 -9.57 -1.08
N THR A 269 1.61 -8.55 -0.24
CA THR A 269 1.82 -8.71 1.19
C THR A 269 0.64 -9.40 1.89
N ASN A 270 0.91 -9.89 3.10
CA ASN A 270 -0.09 -10.57 3.93
C ASN A 270 0.45 -10.50 5.36
N LEU A 271 -0.30 -11.00 6.33
CA LEU A 271 0.15 -10.90 7.73
C LEU A 271 1.56 -11.42 7.97
N PRO A 272 1.91 -12.60 7.41
CA PRO A 272 3.26 -13.14 7.60
C PRO A 272 4.32 -12.19 7.04
N TYR A 273 4.05 -11.64 5.86
CA TYR A 273 4.99 -10.73 5.22
C TYR A 273 4.99 -9.35 5.88
N LEU A 275 4.59 -8.97 9.09
CA LEU A 275 5.38 -9.23 10.29
C LEU A 275 6.87 -9.25 9.98
N SER A 276 7.26 -9.89 8.89
CA SER A 276 8.67 -9.95 8.52
C SER A 276 9.19 -8.56 8.16
N GLY A 277 8.35 -7.77 7.50
CA GLY A 277 8.75 -6.43 7.12
C GLY A 277 8.98 -5.50 8.31
N ALA A 278 8.00 -5.41 9.19
CA ALA A 278 8.09 -4.52 10.35
C ALA A 278 9.15 -4.94 11.36
N ASN A 279 9.53 -6.21 11.35
CA ASN A 279 10.53 -6.70 12.28
C ASN A 279 11.85 -7.08 11.60
N ASN A 280 12.02 -6.59 10.38
CA ASN A 280 13.23 -6.86 9.61
C ASN A 280 13.68 -8.31 9.67
N ILE A 281 12.81 -9.21 9.21
CA ILE A 281 13.08 -10.63 9.17
C ILE A 281 12.89 -11.02 7.70
N PRO A 282 13.83 -11.77 7.12
CA PRO A 282 13.63 -12.14 5.71
C PRO A 282 12.29 -12.86 5.61
N GLN A 283 11.47 -12.48 4.63
CA GLN A 283 10.15 -13.09 4.47
C GLN A 283 10.12 -14.61 4.28
N LYS A 284 11.18 -15.19 3.76
CA LYS A 284 11.17 -16.65 3.58
C LYS A 284 11.29 -17.36 4.92
N GLU A 285 11.97 -16.73 5.87
CA GLU A 285 12.12 -17.32 7.20
C GLU A 285 10.74 -17.38 7.83
N VAL A 286 10.07 -16.23 7.90
CA VAL A 286 8.75 -16.14 8.51
C VAL A 286 7.67 -17.01 7.88
N ASP A 288 8.03 -19.64 6.28
CA ASP A 288 8.34 -21.04 6.51
C ASP A 288 7.88 -21.42 7.91
N TRP A 289 8.00 -20.48 8.85
CA TRP A 289 7.57 -20.72 10.23
C TRP A 289 6.05 -20.94 10.26
N VAL A 290 5.32 -20.04 9.60
CA VAL A 290 3.86 -20.16 9.54
C VAL A 290 3.53 -21.54 9.01
N THR A 291 4.46 -22.09 8.23
CA THR A 291 4.33 -23.42 7.66
C THR A 291 5.36 -24.31 8.35
N TYR A 295 5.67 -22.17 14.27
CA TYR A 295 5.45 -21.06 15.19
C TYR A 295 4.08 -20.44 14.98
N SER A 296 3.42 -20.03 16.07
CA SER A 296 2.14 -19.31 15.99
C SER A 296 2.72 -17.93 15.71
N PHE A 297 1.92 -16.98 15.27
CA PHE A 297 2.47 -15.66 15.03
C PHE A 297 2.99 -15.05 16.32
N ASN A 298 2.29 -15.32 17.42
CA ASN A 298 2.72 -14.79 18.71
C ASN A 298 4.09 -15.27 19.15
N SER A 299 4.45 -16.49 18.78
CA SER A 299 5.76 -17.05 19.14
C SER A 299 6.85 -16.38 18.33
N ILE A 300 6.53 -16.05 17.09
CA ILE A 300 7.49 -15.38 16.22
C ILE A 300 7.87 -14.03 16.80
N ILE A 301 6.90 -13.33 17.37
CA ILE A 301 7.16 -12.03 17.96
C ILE A 301 7.69 -12.08 19.39
N ARG A 302 7.42 -13.17 20.10
CA ARG A 302 7.93 -13.28 21.47
C ARG A 302 9.44 -13.48 21.40
N ALA A 303 9.87 -14.17 20.35
CA ALA A 303 11.28 -14.45 20.13
C ALA A 303 12.06 -13.17 19.83
N LEU A 304 11.35 -12.03 19.79
CA LEU A 304 11.98 -10.75 19.51
C LEU A 304 11.63 -9.78 20.64
N LEU B 3 -5.27 7.39 21.85
CA LEU B 3 -5.69 6.95 20.48
C LEU B 3 -6.69 5.80 20.54
N LYS B 4 -7.78 5.94 19.81
CA LYS B 4 -8.78 4.90 19.75
C LYS B 4 -8.84 4.38 18.33
N ILE B 5 -8.95 3.07 18.21
CA ILE B 5 -8.99 2.43 16.92
C ILE B 5 -10.37 1.88 16.67
N LEU B 6 -10.93 2.20 15.51
CA LEU B 6 -12.27 1.75 15.16
C LEU B 6 -12.28 0.82 13.95
N ASP B 7 -13.03 -0.27 14.06
CA ASP B 7 -13.14 -1.20 12.95
C ASP B 7 -14.58 -1.17 12.44
N CYS B 8 -14.74 -0.98 11.13
CA CYS B 8 -16.08 -0.95 10.55
C CYS B 8 -16.27 -1.99 9.43
N THR B 9 -15.60 -3.13 9.57
CA THR B 9 -15.67 -4.21 8.57
C THR B 9 -17.08 -4.58 8.10
N LEU B 10 -17.97 -4.89 9.04
CA LEU B 10 -19.33 -5.29 8.68
C LEU B 10 -20.16 -4.18 8.02
N ARG B 11 -20.00 -2.95 8.50
CA ARG B 11 -20.74 -1.81 7.94
C ARG B 11 -20.29 -1.44 6.52
N ASP B 12 -18.99 -1.33 6.33
CA ASP B 12 -18.42 -0.96 5.04
C ASP B 12 -18.34 -2.16 4.07
N GLY B 13 -17.98 -3.32 4.60
CA GLY B 13 -17.85 -4.50 3.78
C GLY B 13 -19.17 -5.09 3.30
N GLY B 14 -20.25 -4.84 4.04
CA GLY B 14 -21.56 -5.37 3.70
C GLY B 14 -22.05 -5.05 2.30
N TYR B 15 -21.41 -4.09 1.65
CA TYR B 15 -21.77 -3.70 0.29
C TYR B 15 -21.77 -4.89 -0.67
N TYR B 16 -20.79 -5.77 -0.51
CA TYR B 16 -20.68 -6.94 -1.40
C TYR B 16 -21.78 -7.98 -1.23
N THR B 17 -22.19 -8.22 0.00
CA THR B 17 -23.22 -9.22 0.29
C THR B 17 -24.56 -8.60 0.63
N ASN B 18 -24.76 -7.34 0.25
CA ASN B 18 -26.00 -6.65 0.55
C ASN B 18 -26.29 -6.67 2.05
N TRP B 19 -25.20 -6.60 2.83
CA TRP B 19 -25.25 -6.58 4.29
C TRP B 19 -25.77 -7.82 5.02
N ASP B 20 -25.73 -8.97 4.35
CA ASP B 20 -26.13 -10.22 4.97
C ASP B 20 -24.84 -11.04 5.15
N PHE B 21 -24.65 -11.55 6.36
CA PHE B 21 -23.47 -12.35 6.68
C PHE B 21 -23.89 -13.56 7.51
N ASN B 22 -23.21 -14.68 7.30
CA ASN B 22 -23.45 -15.91 8.04
C ASN B 22 -23.21 -15.56 9.51
N SER B 23 -24.16 -15.88 10.39
CA SER B 23 -23.99 -15.55 11.81
C SER B 23 -22.68 -16.10 12.38
N LYS B 24 -22.15 -17.16 11.76
CA LYS B 24 -20.88 -17.75 12.20
C LYS B 24 -19.75 -16.75 11.94
N ILE B 25 -19.87 -15.99 10.86
CA ILE B 25 -18.89 -14.97 10.52
C ILE B 25 -18.97 -13.86 11.55
N VAL B 26 -20.19 -13.39 11.80
CA VAL B 26 -20.44 -12.31 12.74
C VAL B 26 -19.88 -12.64 14.13
N ASP B 27 -20.22 -13.81 14.65
CA ASP B 27 -19.73 -14.22 15.98
C ASP B 27 -18.21 -14.26 16.03
N ALA B 28 -17.61 -14.88 15.03
CA ALA B 28 -16.16 -14.98 14.95
C ALA B 28 -15.57 -13.58 14.99
N TYR B 29 -16.16 -12.66 14.21
CA TYR B 29 -15.68 -11.29 14.16
C TYR B 29 -15.77 -10.59 15.52
N ILE B 30 -16.94 -10.64 16.16
CA ILE B 30 -17.13 -9.99 17.44
C ILE B 30 -16.19 -10.53 18.52
N LEU B 31 -16.09 -11.84 18.62
CA LEU B 31 -15.21 -12.44 19.63
C LEU B 31 -13.74 -12.07 19.37
N ALA B 32 -13.33 -12.07 18.11
CA ALA B 32 -11.96 -11.73 17.74
C ALA B 32 -11.67 -10.29 18.14
N ASN B 34 -12.64 -8.83 20.60
CA ASN B 34 -12.46 -8.77 22.06
C ASN B 34 -10.99 -8.96 22.44
N GLU B 35 -10.23 -9.61 21.57
CA GLU B 35 -8.81 -9.88 21.85
C GLU B 35 -7.84 -9.10 20.97
N LEU B 36 -8.32 -7.99 20.41
CA LEU B 36 -7.52 -7.12 19.57
C LEU B 36 -7.62 -5.71 20.14
N PRO B 37 -6.53 -4.92 20.05
CA PRO B 37 -6.55 -3.55 20.57
C PRO B 37 -7.40 -2.59 19.76
N ILE B 38 -8.66 -2.96 19.57
CA ILE B 38 -9.63 -2.17 18.83
C ILE B 38 -10.70 -1.73 19.83
N ASP B 39 -10.90 -0.43 19.91
CA ASP B 39 -11.83 0.16 20.87
C ASP B 39 -13.28 0.27 20.43
N TYR B 40 -13.50 0.62 19.17
CA TYR B 40 -14.83 0.77 18.63
C TYR B 40 -15.11 -0.19 17.48
N LEU B 41 -16.35 -0.65 17.40
CA LEU B 41 -16.77 -1.55 16.33
C LEU B 41 -18.03 -0.99 15.70
N GLU B 42 -17.94 -0.61 14.44
CA GLU B 42 -19.11 -0.09 13.73
C GLU B 42 -19.63 -1.28 12.92
N VAL B 43 -20.68 -1.90 13.43
CA VAL B 43 -21.28 -3.11 12.87
C VAL B 43 -22.29 -2.99 11.73
N GLY B 44 -22.89 -1.82 11.56
CA GLY B 44 -23.85 -1.68 10.49
C GLY B 44 -24.56 -0.34 10.46
N TYR B 45 -25.61 -0.27 9.66
CA TYR B 45 -26.42 0.95 9.52
C TYR B 45 -27.77 0.73 10.21
N ARG B 46 -28.53 1.81 10.32
CA ARG B 46 -29.88 1.77 10.83
C ARG B 46 -30.59 2.44 9.65
N ASN B 47 -31.77 1.94 9.29
CA ASN B 47 -32.48 2.47 8.14
C ASN B 47 -33.99 2.37 8.26
N LYS B 48 -34.69 3.27 7.58
CA LYS B 48 -36.15 3.23 7.56
C LYS B 48 -36.48 2.08 6.62
N PRO B 49 -37.67 1.48 6.75
CA PRO B 49 -38.03 0.37 5.86
C PRO B 49 -37.78 0.70 4.39
N SER B 50 -37.17 -0.25 3.68
CA SER B 50 -36.86 -0.08 2.26
C SER B 50 -37.67 -1.07 1.46
N LYS B 51 -38.06 -0.68 0.25
CA LYS B 51 -38.84 -1.53 -0.65
C LYS B 51 -37.96 -2.65 -1.21
N GLU B 52 -36.79 -2.26 -1.72
CA GLU B 52 -35.86 -3.25 -2.24
C GLU B 52 -35.23 -3.95 -1.05
N TYR B 53 -35.07 -5.26 -1.14
CA TYR B 53 -34.50 -6.02 -0.04
C TYR B 53 -33.08 -5.58 0.31
N GLY B 55 -29.99 -6.45 3.37
CA GLY B 55 -29.57 -7.36 4.43
C GLY B 55 -29.64 -6.86 5.85
N LYS B 56 -29.43 -7.80 6.78
CA LYS B 56 -29.46 -7.54 8.21
C LYS B 56 -28.70 -6.30 8.68
N PHE B 57 -27.43 -6.17 8.28
CA PHE B 57 -26.63 -5.04 8.73
C PHE B 57 -26.89 -3.71 8.02
N GLY B 58 -27.99 -3.66 7.30
CA GLY B 58 -28.41 -2.44 6.65
C GLY B 58 -29.43 -1.83 7.61
N TYR B 59 -29.90 -2.66 8.54
CA TYR B 59 -30.89 -2.26 9.55
C TYR B 59 -30.37 -2.47 10.96
N THR B 60 -29.43 -3.40 11.13
CA THR B 60 -28.86 -3.74 12.43
C THR B 60 -29.97 -3.82 13.48
N PRO B 61 -30.85 -4.83 13.35
CA PRO B 61 -31.99 -5.05 14.26
C PRO B 61 -31.62 -5.15 15.73
N VAL B 62 -32.59 -4.82 16.58
CA VAL B 62 -32.42 -4.88 18.02
C VAL B 62 -31.98 -6.26 18.47
N SER B 63 -32.54 -7.30 17.86
CA SER B 63 -32.19 -8.66 18.25
C SER B 63 -30.73 -9.00 18.01
N VAL B 64 -30.15 -8.56 16.89
CA VAL B 64 -28.75 -8.87 16.65
C VAL B 64 -27.89 -8.01 17.58
N LEU B 65 -28.34 -6.79 17.86
CA LEU B 65 -27.61 -5.88 18.75
C LEU B 65 -27.56 -6.40 20.18
N LYS B 66 -28.65 -7.01 20.65
CA LYS B 66 -28.67 -7.56 22.00
C LYS B 66 -27.62 -8.67 22.09
N HIS B 67 -27.59 -9.50 21.05
CA HIS B 67 -26.64 -10.59 20.96
C HIS B 67 -25.21 -10.03 20.96
N LEU B 68 -24.92 -9.08 20.09
CA LEU B 68 -23.60 -8.49 20.02
C LEU B 68 -23.21 -7.79 21.32
N ARG B 69 -24.16 -7.08 21.91
CA ARG B 69 -23.90 -6.38 23.16
C ARG B 69 -23.56 -7.34 24.28
N ASN B 70 -24.09 -8.56 24.23
CA ASN B 70 -23.84 -9.56 25.25
C ASN B 70 -22.46 -10.19 25.19
N ILE B 71 -21.89 -10.30 23.99
CA ILE B 71 -20.60 -10.94 23.84
C ILE B 71 -19.41 -10.00 23.65
N SER B 72 -19.68 -8.79 23.17
CA SER B 72 -18.60 -7.84 22.96
C SER B 72 -18.29 -7.05 24.22
N THR B 73 -17.01 -6.76 24.42
CA THR B 73 -16.57 -5.97 25.57
C THR B 73 -16.13 -4.61 25.06
N LYS B 74 -16.38 -4.34 23.78
CA LYS B 74 -15.99 -3.09 23.15
C LYS B 74 -17.15 -2.14 22.88
N LYS B 75 -16.83 -0.90 22.53
CA LYS B 75 -17.83 0.10 22.23
C LYS B 75 -18.48 -0.23 20.89
N ILE B 76 -19.80 -0.14 20.84
CA ILE B 76 -20.52 -0.45 19.62
C ILE B 76 -21.08 0.80 18.96
N ALA B 77 -20.98 0.86 17.64
CA ALA B 77 -21.50 1.99 16.88
C ALA B 77 -22.24 1.54 15.64
N ILE B 78 -23.15 2.39 15.16
CA ILE B 78 -23.87 2.14 13.92
C ILE B 78 -23.82 3.44 13.14
N LEU B 80 -25.67 6.30 10.33
CA LEU B 80 -26.87 6.86 9.72
C LEU B 80 -26.41 7.69 8.55
N ASN B 81 -27.15 7.64 7.45
CA ASN B 81 -26.84 8.44 6.26
C ASN B 81 -27.65 9.73 6.44
N GLU B 82 -26.96 10.85 6.59
CA GLU B 82 -27.62 12.13 6.80
C GLU B 82 -28.69 12.46 5.76
N LYS B 83 -28.37 12.20 4.49
CA LYS B 83 -29.30 12.49 3.40
C LYS B 83 -30.64 11.76 3.49
N ASN B 84 -30.66 10.63 4.19
CA ASN B 84 -31.91 9.86 4.33
C ASN B 84 -32.46 9.96 5.73
N THR B 85 -32.01 10.95 6.48
CA THR B 85 -32.46 11.08 7.86
C THR B 85 -32.88 12.49 8.27
N THR B 86 -34.09 12.59 8.82
CA THR B 86 -34.61 13.84 9.32
C THR B 86 -34.81 13.64 10.81
N PRO B 87 -34.90 14.72 11.59
CA PRO B 87 -35.08 14.57 13.04
C PRO B 87 -36.29 13.76 13.50
N GLU B 88 -37.33 13.69 12.66
CA GLU B 88 -38.53 12.94 13.04
C GLU B 88 -38.35 11.43 12.86
N ASP B 89 -37.26 11.04 12.20
CA ASP B 89 -36.97 9.64 11.97
C ASP B 89 -36.21 9.05 13.16
N LEU B 90 -35.58 9.92 13.93
CA LEU B 90 -34.77 9.51 15.07
C LEU B 90 -35.39 8.60 16.14
N ASN B 91 -36.60 8.90 16.62
CA ASN B 91 -37.21 8.05 17.65
C ASN B 91 -37.28 6.58 17.24
N HIS B 92 -37.81 6.31 16.05
CA HIS B 92 -37.92 4.93 15.59
C HIS B 92 -36.56 4.35 15.26
N LEU B 93 -35.64 5.18 14.77
CA LEU B 93 -34.31 4.70 14.42
C LEU B 93 -33.39 4.46 15.61
N LEU B 94 -33.38 5.37 16.57
CA LEU B 94 -32.46 5.22 17.69
C LEU B 94 -33.01 4.81 19.07
N LEU B 95 -34.24 5.20 19.41
CA LEU B 95 -34.76 4.83 20.72
C LEU B 95 -34.62 3.33 21.05
N PRO B 96 -34.94 2.46 20.09
CA PRO B 96 -34.84 1.01 20.33
C PRO B 96 -33.42 0.51 20.67
N ILE B 97 -32.40 1.28 20.31
CA ILE B 97 -31.03 0.84 20.58
C ILE B 97 -30.31 1.49 21.76
N ILE B 98 -31.07 2.20 22.59
CA ILE B 98 -30.51 2.82 23.78
C ILE B 98 -29.93 1.69 24.65
N GLY B 99 -28.70 1.85 25.07
CA GLY B 99 -28.08 0.82 25.91
C GLY B 99 -27.41 -0.31 25.15
N LEU B 100 -27.70 -0.40 23.85
CA LEU B 100 -27.11 -1.43 23.01
C LEU B 100 -26.00 -0.86 22.14
N VAL B 101 -26.12 0.42 21.80
CA VAL B 101 -25.14 1.09 20.96
C VAL B 101 -24.63 2.35 21.65
N ASP B 102 -23.31 2.49 21.68
CA ASP B 102 -22.64 3.61 22.32
C ASP B 102 -22.55 4.86 21.46
N ILE B 104 -23.32 6.84 17.58
CA ILE B 104 -24.09 6.97 16.35
C ILE B 104 -23.25 7.82 15.42
N ARG B 105 -22.79 7.22 14.33
CA ARG B 105 -21.98 7.97 13.36
C ARG B 105 -22.87 8.41 12.22
N ILE B 106 -22.66 9.62 11.73
CA ILE B 106 -23.46 10.16 10.65
C ILE B 106 -22.61 10.43 9.40
N ALA B 107 -22.96 9.81 8.28
CA ALA B 107 -22.24 10.03 7.03
C ALA B 107 -22.75 11.38 6.55
N ILE B 108 -21.85 12.36 6.45
CA ILE B 108 -22.21 13.71 6.05
C ILE B 108 -21.45 14.32 4.88
N ASP B 109 -22.18 15.02 4.02
CA ASP B 109 -21.58 15.72 2.90
C ASP B 109 -21.24 17.08 3.51
N PRO B 110 -20.00 17.56 3.31
CA PRO B 110 -19.66 18.87 3.89
C PRO B 110 -20.64 19.98 3.54
N GLN B 111 -21.36 19.80 2.43
CA GLN B 111 -22.34 20.77 1.97
C GLN B 111 -23.53 20.88 2.93
N ASN B 112 -23.86 19.77 3.57
CA ASN B 112 -25.00 19.70 4.50
C ASN B 112 -24.63 19.68 5.99
N ILE B 113 -23.48 20.26 6.33
CA ILE B 113 -23.03 20.27 7.72
C ILE B 113 -24.05 20.87 8.69
N ASP B 114 -24.61 22.03 8.36
CA ASP B 114 -25.58 22.67 9.25
C ASP B 114 -26.82 21.82 9.49
N ARG B 115 -27.26 21.12 8.46
CA ARG B 115 -28.44 20.26 8.60
C ARG B 115 -28.06 19.06 9.47
N ALA B 116 -26.80 18.65 9.41
CA ALA B 116 -26.29 17.53 10.18
C ALA B 116 -26.14 17.87 11.67
N ILE B 117 -25.83 19.13 11.96
CA ILE B 117 -25.67 19.57 13.33
C ILE B 117 -27.03 19.54 14.04
N VAL B 118 -28.08 19.89 13.32
CA VAL B 118 -29.41 19.87 13.91
C VAL B 118 -29.72 18.43 14.30
N LEU B 119 -29.28 17.50 13.46
CA LEU B 119 -29.51 16.08 13.69
C LEU B 119 -28.71 15.56 14.88
N ALA B 120 -27.44 15.94 14.95
CA ALA B 120 -26.58 15.50 16.04
C ALA B 120 -27.08 15.98 17.39
N LYS B 121 -27.69 17.16 17.44
CA LYS B 121 -28.22 17.69 18.69
C LYS B 121 -29.28 16.75 19.24
N ALA B 122 -30.24 16.40 18.41
CA ALA B 122 -31.31 15.50 18.83
C ALA B 122 -30.74 14.15 19.29
N ILE B 123 -29.77 13.64 18.54
CA ILE B 123 -29.15 12.36 18.90
C ILE B 123 -28.45 12.50 20.24
N LYS B 124 -27.68 13.58 20.40
CA LYS B 124 -26.94 13.81 21.63
C LYS B 124 -27.90 13.83 22.83
N THR B 125 -29.06 14.46 22.67
CA THR B 125 -30.06 14.53 23.73
C THR B 125 -30.46 13.14 24.20
N GLY B 127 -28.65 10.72 24.61
CA GLY B 127 -27.62 10.10 25.42
C GLY B 127 -26.54 9.32 24.67
N PHE B 128 -26.58 9.37 23.35
CA PHE B 128 -25.59 8.67 22.55
C PHE B 128 -24.34 9.52 22.32
N GLU B 129 -23.23 8.86 21.99
CA GLU B 129 -22.01 9.57 21.64
C GLU B 129 -22.32 9.83 20.17
N VAL B 130 -21.82 10.94 19.63
CA VAL B 130 -22.08 11.26 18.22
C VAL B 130 -20.79 11.44 17.42
N GLY B 131 -20.74 10.80 16.26
CA GLY B 131 -19.57 10.92 15.41
C GLY B 131 -19.96 11.53 14.08
N PHE B 132 -19.13 12.45 13.59
CA PHE B 132 -19.38 13.10 12.30
C PHE B 132 -18.43 12.51 11.26
N ASN B 133 -18.97 11.79 10.29
CA ASN B 133 -18.14 11.23 9.21
C ASN B 133 -18.33 12.12 8.00
N VAL B 134 -17.51 13.17 7.91
CA VAL B 134 -17.60 14.15 6.83
C VAL B 134 -16.78 13.77 5.62
N TYR B 136 -15.37 13.91 1.46
CA TYR B 136 -14.60 14.82 0.61
C TYR B 136 -13.68 15.79 1.34
N SER B 138 -10.77 16.29 0.70
CA SER B 138 -9.93 16.89 -0.35
C SER B 138 -10.54 18.19 -0.91
N LYS B 139 -11.75 18.52 -0.48
CA LYS B 139 -12.43 19.73 -0.95
C LYS B 139 -12.65 20.80 0.12
N TRP B 140 -12.45 20.45 1.39
CA TRP B 140 -12.66 21.39 2.48
C TRP B 140 -11.87 22.68 2.40
N ALA B 141 -10.58 22.58 2.14
CA ALA B 141 -9.70 23.75 2.05
C ALA B 141 -10.23 24.83 1.13
N GLU B 142 -10.89 24.43 0.06
CA GLU B 142 -11.44 25.38 -0.91
C GLU B 142 -12.88 25.78 -0.65
N ASN B 144 -15.28 27.89 1.24
CA ASN B 144 -15.32 29.09 2.07
C ASN B 144 -16.27 28.95 3.25
N GLY B 145 -15.75 29.19 4.45
CA GLY B 145 -16.55 29.13 5.66
C GLY B 145 -16.79 27.78 6.27
N PHE B 146 -16.52 26.70 5.54
CA PHE B 146 -16.76 25.36 6.08
C PHE B 146 -16.00 25.10 7.38
N LEU B 147 -14.67 25.06 7.30
CA LEU B 147 -13.83 24.80 8.47
C LEU B 147 -14.09 25.82 9.57
N SER B 148 -14.10 27.08 9.17
CA SER B 148 -14.30 28.21 10.06
C SER B 148 -15.57 28.10 10.91
N LYS B 149 -16.53 27.31 10.45
CA LYS B 149 -17.79 27.14 11.17
C LYS B 149 -17.98 25.82 11.92
N LEU B 150 -16.88 25.08 12.12
CA LEU B 150 -16.96 23.81 12.83
C LEU B 150 -17.10 24.03 14.34
N LYS B 151 -16.94 25.28 14.78
CA LYS B 151 -17.07 25.56 16.20
C LYS B 151 -18.48 25.18 16.67
N ALA B 152 -19.40 25.08 15.71
CA ALA B 152 -20.79 24.75 15.97
C ALA B 152 -21.00 23.32 16.47
N ILE B 153 -19.98 22.47 16.38
CA ILE B 153 -20.12 21.09 16.83
C ILE B 153 -19.43 20.81 18.17
N ASP B 154 -18.76 21.82 18.73
CA ASP B 154 -18.05 21.66 19.99
C ASP B 154 -18.79 21.00 21.16
N LYS B 155 -20.09 21.26 21.30
CA LYS B 155 -20.82 20.66 22.40
C LYS B 155 -21.67 19.45 22.04
N ILE B 156 -21.59 19.00 20.80
CA ILE B 156 -22.41 17.87 20.38
C ILE B 156 -21.66 16.69 19.77
N ALA B 157 -20.47 16.94 19.21
CA ALA B 157 -19.69 15.87 18.59
C ALA B 157 -18.66 15.25 19.51
N ASP B 158 -18.60 13.92 19.49
CA ASP B 158 -17.63 13.17 20.29
C ASP B 158 -16.53 12.74 19.35
N LEU B 159 -16.76 12.95 18.06
CA LEU B 159 -15.78 12.59 17.04
C LEU B 159 -16.04 13.29 15.72
N PHE B 160 -14.98 13.88 15.17
CA PHE B 160 -15.08 14.53 13.87
C PHE B 160 -14.12 13.72 13.00
N CYS B 161 -14.67 12.83 12.18
CA CYS B 161 -13.86 11.97 11.33
C CYS B 161 -13.73 12.53 9.91
N VAL B 163 -12.95 11.93 6.20
CA VAL B 163 -12.96 10.82 5.26
C VAL B 163 -12.23 11.08 3.94
N ASP B 164 -11.31 10.18 3.65
CA ASP B 164 -10.51 10.23 2.43
C ASP B 164 -11.37 9.56 1.36
N SER B 165 -12.47 10.23 1.03
CA SER B 165 -13.46 9.75 0.09
C SER B 165 -12.99 9.16 -1.23
N PHE B 166 -11.98 9.74 -1.85
CA PHE B 166 -11.50 9.25 -3.14
C PHE B 166 -10.29 8.33 -3.05
N GLY B 167 -9.62 8.33 -1.89
CA GLY B 167 -8.44 7.50 -1.74
C GLY B 167 -7.26 8.15 -2.45
N GLY B 168 -7.25 9.48 -2.49
CA GLY B 168 -6.18 10.21 -3.14
C GLY B 168 -5.45 11.20 -2.24
N ILE B 169 -5.94 11.38 -1.02
CA ILE B 169 -5.32 12.31 -0.08
C ILE B 169 -3.92 11.82 0.27
N THR B 170 -3.00 12.74 0.49
CA THR B 170 -1.61 12.42 0.82
C THR B 170 -1.24 12.82 2.25
N PRO B 171 -0.13 12.27 2.77
CA PRO B 171 0.35 12.55 4.13
C PRO B 171 0.42 14.04 4.46
N LYS B 172 0.99 14.81 3.53
CA LYS B 172 1.13 16.25 3.70
C LYS B 172 -0.23 16.91 3.88
N GLU B 173 -1.19 16.53 3.05
CA GLU B 173 -2.52 17.12 3.12
C GLU B 173 -3.26 16.70 4.39
N VAL B 174 -3.08 15.45 4.80
CA VAL B 174 -3.72 14.96 6.01
C VAL B 174 -3.18 15.77 7.18
N LYS B 175 -1.87 15.98 7.22
CA LYS B 175 -1.27 16.75 8.29
C LYS B 175 -1.80 18.19 8.33
N ASN B 176 -1.90 18.82 7.17
CA ASN B 176 -2.42 20.18 7.11
C ASN B 176 -3.89 20.28 7.50
N LEU B 177 -4.71 19.35 7.02
CA LEU B 177 -6.13 19.38 7.34
C LEU B 177 -6.35 19.15 8.83
N LEU B 178 -5.59 18.25 9.43
CA LEU B 178 -5.72 17.99 10.84
C LEU B 178 -5.45 19.28 11.64
N LYS B 179 -4.41 20.01 11.24
CA LYS B 179 -4.06 21.27 11.89
C LYS B 179 -5.23 22.24 11.78
N GLU B 180 -5.74 22.41 10.55
CA GLU B 180 -6.86 23.30 10.32
C GLU B 180 -8.06 22.98 11.21
N VAL B 181 -8.45 21.72 11.24
CA VAL B 181 -9.58 21.30 12.06
C VAL B 181 -9.33 21.68 13.52
N ARG B 182 -8.11 21.48 14.00
CA ARG B 182 -7.76 21.78 15.38
C ARG B 182 -7.91 23.27 15.71
N LYS B 183 -7.83 24.13 14.70
CA LYS B 183 -7.96 25.56 14.93
C LYS B 183 -9.43 25.96 15.10
N TYR B 184 -10.33 25.13 14.61
CA TYR B 184 -11.75 25.47 14.65
C TYR B 184 -12.67 24.69 15.57
N THR B 185 -12.31 23.47 15.93
CA THR B 185 -13.14 22.69 16.84
C THR B 185 -12.28 22.05 17.92
N HIS B 186 -12.87 21.82 19.09
CA HIS B 186 -12.18 21.21 20.23
C HIS B 186 -12.44 19.71 20.34
N VAL B 187 -13.39 19.19 19.57
CA VAL B 187 -13.74 17.78 19.65
C VAL B 187 -12.67 16.84 19.12
N PRO B 188 -12.70 15.57 19.57
CA PRO B 188 -11.71 14.60 19.11
C PRO B 188 -11.82 14.44 17.59
N VAL B 189 -10.69 14.31 16.91
CA VAL B 189 -10.69 14.16 15.45
C VAL B 189 -10.24 12.76 15.05
N GLY B 190 -10.76 12.28 13.92
CA GLY B 190 -10.39 10.96 13.44
C GLY B 190 -10.11 11.01 11.95
N PHE B 191 -9.58 9.91 11.42
CA PHE B 191 -9.27 9.81 10.00
C PHE B 191 -9.71 8.45 9.47
N HIS B 192 -10.35 8.45 8.30
CA HIS B 192 -10.80 7.23 7.64
C HIS B 192 -10.23 7.25 6.22
N GLY B 193 -9.13 6.54 6.01
CA GLY B 193 -8.53 6.56 4.69
C GLY B 193 -8.98 5.44 3.76
N HIS B 194 -8.76 5.65 2.46
CA HIS B 194 -9.09 4.65 1.46
C HIS B 194 -7.76 4.25 0.83
N ASP B 195 -7.70 3.03 0.31
CA ASP B 195 -6.46 2.51 -0.24
C ASP B 195 -6.23 2.57 -1.75
N ASN B 196 -6.94 3.45 -2.45
CA ASN B 196 -6.79 3.57 -3.89
C ASN B 196 -5.33 3.69 -4.33
N LEU B 197 -4.54 4.45 -3.56
CA LEU B 197 -3.12 4.64 -3.87
C LEU B 197 -2.28 3.96 -2.79
N GLN B 198 -2.96 3.13 -1.99
CA GLN B 198 -2.31 2.40 -0.90
C GLN B 198 -1.61 3.33 0.07
N LEU B 199 -2.20 4.50 0.31
CA LEU B 199 -1.64 5.46 1.25
C LEU B 199 -2.35 5.39 2.59
N GLY B 200 -3.26 4.44 2.73
CA GLY B 200 -3.99 4.29 3.98
C GLY B 200 -3.11 4.23 5.22
N LEU B 201 -2.11 3.34 5.21
CA LEU B 201 -1.23 3.22 6.36
C LEU B 201 -0.43 4.48 6.67
N ILE B 202 0.35 4.95 5.70
CA ILE B 202 1.18 6.14 5.94
C ILE B 202 0.36 7.38 6.31
N ASN B 203 -0.83 7.53 5.72
CA ASN B 203 -1.68 8.66 6.05
C ASN B 203 -2.13 8.56 7.49
N SER B 204 -2.49 7.34 7.90
CA SER B 204 -2.95 7.07 9.26
C SER B 204 -1.84 7.27 10.29
N ILE B 205 -0.65 6.78 9.99
CA ILE B 205 0.48 6.92 10.90
C ILE B 205 0.82 8.41 11.03
N THR B 206 0.77 9.12 9.91
CA THR B 206 1.06 10.55 9.90
C THR B 206 0.11 11.26 10.87
N ALA B 207 -1.17 10.93 10.79
CA ALA B 207 -2.17 11.53 11.66
C ALA B 207 -1.96 11.11 13.12
N ILE B 208 -1.60 9.84 13.33
CA ILE B 208 -1.37 9.36 14.68
C ILE B 208 -0.21 10.11 15.32
N ASP B 209 0.86 10.31 14.56
CA ASP B 209 2.03 11.01 15.09
C ASP B 209 1.76 12.48 15.38
N ASP B 210 0.70 13.02 14.79
CA ASP B 210 0.33 14.42 15.03
C ASP B 210 -0.80 14.51 16.06
N GLY B 211 -0.98 13.43 16.80
CA GLY B 211 -1.98 13.38 17.85
C GLY B 211 -3.44 13.15 17.51
N ILE B 212 -3.74 12.54 16.37
CA ILE B 212 -5.14 12.29 16.03
C ILE B 212 -5.77 11.37 17.07
N ASP B 213 -7.06 11.55 17.30
CA ASP B 213 -7.79 10.79 18.31
C ASP B 213 -8.36 9.43 17.89
N PHE B 214 -8.76 9.31 16.63
CA PHE B 214 -9.36 8.07 16.11
C PHE B 214 -8.80 7.70 14.75
N ILE B 215 -8.76 6.41 14.46
CA ILE B 215 -8.33 5.90 13.17
C ILE B 215 -9.32 4.77 12.79
N ASP B 216 -9.75 4.77 11.53
CA ASP B 216 -10.69 3.78 11.01
C ASP B 216 -9.94 2.76 10.13
N ALA B 217 -10.39 1.50 10.16
CA ALA B 217 -9.80 0.45 9.33
C ALA B 217 -10.75 -0.74 9.32
N THR B 218 -10.48 -1.71 8.44
CA THR B 218 -11.31 -2.92 8.35
C THR B 218 -10.42 -4.13 8.10
N ILE B 219 -10.88 -5.31 8.53
CA ILE B 219 -10.13 -6.55 8.35
C ILE B 219 -9.92 -6.81 6.86
N THR B 220 -8.65 -6.94 6.46
CA THR B 220 -8.24 -7.15 5.07
C THR B 220 -8.58 -5.95 4.20
N GLY B 221 -8.95 -4.85 4.85
CA GLY B 221 -9.29 -3.63 4.14
C GLY B 221 -10.62 -3.74 3.42
N GLY B 223 -13.95 -3.39 1.85
CA GLY B 223 -14.71 -2.18 1.59
C GLY B 223 -14.92 -2.07 0.09
N ARG B 224 -15.78 -1.15 -0.34
CA ARG B 224 -16.06 -0.98 -1.76
C ARG B 224 -14.81 -0.62 -2.57
N GLY B 225 -14.77 -1.10 -3.80
CA GLY B 225 -13.65 -0.83 -4.69
C GLY B 225 -12.28 -1.10 -4.13
N ALA B 226 -11.49 -0.03 -3.99
CA ALA B 226 -10.13 -0.15 -3.48
C ALA B 226 -10.11 -0.55 -2.01
N GLY B 227 -11.18 -0.24 -1.28
CA GLY B 227 -11.24 -0.62 0.11
C GLY B 227 -10.62 0.38 1.07
N ASN B 228 -10.45 -0.05 2.31
CA ASN B 228 -9.91 0.79 3.38
C ASN B 228 -8.54 0.36 3.85
N LEU B 229 -8.07 1.00 4.92
CA LEU B 229 -6.79 0.63 5.52
C LEU B 229 -6.98 -0.77 6.08
N LYS B 230 -6.01 -1.64 5.84
CA LYS B 230 -6.09 -3.01 6.35
C LYS B 230 -5.78 -2.95 7.85
N GLU B 232 -5.13 -5.24 9.90
CA GLU B 232 -3.98 -6.07 10.23
C GLU B 232 -2.68 -5.31 9.96
N LEU B 233 -2.70 -4.43 8.96
CA LEU B 233 -1.53 -3.64 8.61
C LEU B 233 -1.27 -2.57 9.67
N LEU B 234 -2.32 -1.87 10.08
CA LEU B 234 -2.16 -0.84 11.10
C LEU B 234 -1.56 -1.44 12.36
N LEU B 235 -2.21 -2.48 12.88
CA LEU B 235 -1.77 -3.15 14.09
C LEU B 235 -0.34 -3.69 14.01
N THR B 236 0.02 -4.31 12.89
CA THR B 236 1.39 -4.83 12.78
C THR B 236 2.40 -3.69 12.88
N TYR B 237 2.08 -2.57 12.23
CA TYR B 237 2.96 -1.40 12.25
C TYR B 237 3.04 -0.76 13.64
N LEU B 238 1.88 -0.59 14.28
CA LEU B 238 1.84 0.01 15.62
C LEU B 238 2.51 -0.90 16.63
N ASN B 239 2.39 -2.20 16.45
CA ASN B 239 3.02 -3.15 17.37
C ASN B 239 4.53 -2.95 17.39
N LYS B 240 5.10 -2.67 16.21
CA LYS B 240 6.54 -2.47 16.10
C LYS B 240 7.04 -1.08 16.46
N HIS B 241 6.35 -0.06 15.95
CA HIS B 241 6.76 1.33 16.13
C HIS B 241 6.13 2.11 17.27
N HIS B 242 5.01 1.64 17.80
CA HIS B 242 4.35 2.36 18.90
C HIS B 242 4.09 1.49 20.14
N GLY B 243 4.83 0.40 20.28
CA GLY B 243 4.66 -0.47 21.44
C GLY B 243 3.25 -0.99 21.71
N LEU B 244 2.44 -1.18 20.67
CA LEU B 244 1.08 -1.68 20.87
C LEU B 244 1.08 -3.20 20.98
N ASN B 245 0.52 -3.72 22.07
CA ASN B 245 0.45 -5.16 22.26
C ASN B 245 -0.66 -5.71 21.38
N VAL B 246 -0.32 -6.72 20.59
CA VAL B 246 -1.27 -7.34 19.67
C VAL B 246 -1.21 -8.86 19.73
N ASP B 247 -2.38 -9.49 19.72
CA ASP B 247 -2.44 -10.96 19.71
C ASP B 247 -2.50 -11.33 18.22
N PHE B 248 -1.35 -11.63 17.63
CA PHE B 248 -1.29 -11.97 16.23
C PHE B 248 -1.95 -13.30 15.84
N ASN B 249 -2.15 -14.17 16.83
CA ASN B 249 -2.81 -15.45 16.58
C ASN B 249 -4.26 -15.15 16.24
N VAL B 250 -4.86 -14.26 17.02
CA VAL B 250 -6.24 -13.86 16.80
C VAL B 250 -6.36 -13.07 15.49
N LEU B 251 -5.39 -12.19 15.23
CA LEU B 251 -5.41 -11.40 14.01
C LEU B 251 -5.36 -12.33 12.80
N GLY B 252 -4.40 -13.24 12.80
CA GLY B 252 -4.26 -14.19 11.71
C GLY B 252 -5.53 -14.99 11.51
N ASN B 253 -6.13 -15.43 12.62
CA ASN B 253 -7.38 -16.20 12.57
C ASN B 253 -8.55 -15.40 11.97
N ILE B 254 -8.72 -14.15 12.38
CA ILE B 254 -9.84 -13.35 11.85
C ILE B 254 -9.61 -12.98 10.38
N ILE B 255 -8.34 -12.89 9.97
CA ILE B 255 -8.04 -12.61 8.59
C ILE B 255 -8.54 -13.83 7.81
N THR B 256 -8.23 -15.01 8.33
CA THR B 256 -8.65 -16.26 7.71
C THR B 256 -10.17 -16.33 7.59
N THR B 257 -10.86 -15.91 8.63
CA THR B 257 -12.32 -15.91 8.65
C THR B 257 -12.90 -15.11 7.46
N PHE B 258 -12.25 -14.02 7.09
CA PHE B 258 -12.72 -13.18 5.98
C PHE B 258 -12.10 -13.49 4.63
N THR B 259 -11.14 -14.41 4.60
CA THR B 259 -10.50 -14.76 3.35
C THR B 259 -11.46 -15.28 2.28
N PRO B 260 -12.38 -16.21 2.63
CA PRO B 260 -13.31 -16.69 1.60
C PRO B 260 -14.07 -15.55 0.92
N LEU B 261 -14.45 -14.53 1.69
CA LEU B 261 -15.15 -13.37 1.15
C LEU B 261 -14.23 -12.58 0.20
N LEU B 262 -12.96 -12.46 0.57
CA LEU B 262 -11.98 -11.76 -0.27
C LEU B 262 -11.73 -12.52 -1.56
N GLU B 263 -11.65 -13.84 -1.47
CA GLU B 263 -11.43 -14.66 -2.64
C GLU B 263 -12.57 -14.45 -3.62
N LYS B 264 -13.77 -14.32 -3.08
CA LYS B 264 -14.95 -14.13 -3.91
C LYS B 264 -15.12 -12.71 -4.47
N TYR B 265 -15.07 -11.72 -3.59
CA TYR B 265 -15.27 -10.34 -4.02
C TYR B 265 -14.06 -9.53 -4.49
N GLN B 266 -12.87 -9.97 -4.13
CA GLN B 266 -11.62 -9.32 -4.56
C GLN B 266 -11.54 -7.80 -4.46
N TRP B 267 -11.79 -7.24 -3.29
CA TRP B 267 -11.68 -5.79 -3.15
C TRP B 267 -10.20 -5.46 -3.15
N GLY B 268 -9.88 -4.21 -3.46
CA GLY B 268 -8.49 -3.81 -3.50
C GLY B 268 -8.25 -2.89 -4.69
N THR B 269 -7.23 -2.04 -4.61
CA THR B 269 -6.99 -1.12 -5.71
C THR B 269 -6.49 -1.81 -6.98
N ASN B 270 -6.57 -1.07 -8.08
CA ASN B 270 -6.16 -1.55 -9.39
C ASN B 270 -6.02 -0.27 -10.24
N LEU B 271 -5.60 -0.40 -11.49
CA LEU B 271 -5.42 0.79 -12.33
C LEU B 271 -6.63 1.74 -12.37
N PRO B 272 -7.85 1.21 -12.57
CA PRO B 272 -9.00 2.12 -12.59
C PRO B 272 -9.15 2.89 -11.28
N TYR B 273 -8.94 2.19 -10.17
CA TYR B 273 -9.06 2.79 -8.84
C TYR B 273 -7.87 3.66 -8.46
N LEU B 275 -6.38 5.51 -10.67
CA LEU B 275 -6.70 6.70 -11.46
C LEU B 275 -7.76 7.54 -10.76
N SER B 276 -8.81 6.90 -10.28
CA SER B 276 -9.88 7.63 -9.58
C SER B 276 -9.36 8.23 -8.28
N GLY B 277 -8.44 7.53 -7.62
CA GLY B 277 -7.89 8.06 -6.39
C GLY B 277 -7.05 9.30 -6.64
N ALA B 278 -6.08 9.17 -7.53
CA ALA B 278 -5.18 10.27 -7.85
C ALA B 278 -5.89 11.47 -8.46
N ASN B 279 -6.99 11.23 -9.15
CA ASN B 279 -7.67 12.34 -9.81
C ASN B 279 -8.98 12.78 -9.16
N ASN B 280 -9.13 12.47 -7.88
CA ASN B 280 -10.29 12.84 -7.07
C ASN B 280 -11.66 12.68 -7.73
N ILE B 281 -11.94 11.47 -8.19
CA ILE B 281 -13.20 11.12 -8.83
C ILE B 281 -13.73 9.88 -8.12
N PRO B 282 -15.05 9.83 -7.86
CA PRO B 282 -15.58 8.64 -7.19
C PRO B 282 -15.26 7.40 -8.03
N GLN B 283 -14.88 6.31 -7.37
CA GLN B 283 -14.51 5.10 -8.09
C GLN B 283 -15.59 4.48 -8.95
N LYS B 284 -16.86 4.63 -8.56
CA LYS B 284 -17.92 4.05 -9.36
C LYS B 284 -18.00 4.78 -10.71
N GLU B 285 -17.52 6.02 -10.73
CA GLU B 285 -17.54 6.81 -11.95
C GLU B 285 -16.52 6.28 -12.96
N VAL B 286 -15.28 6.08 -12.51
CA VAL B 286 -14.23 5.58 -13.39
C VAL B 286 -14.44 4.13 -13.84
N ASP B 288 -17.07 2.49 -13.99
CA ASP B 288 -18.21 2.40 -14.90
C ASP B 288 -17.83 2.85 -16.31
N TRP B 289 -16.87 3.78 -16.42
CA TRP B 289 -16.43 4.22 -17.74
C TRP B 289 -15.64 3.06 -18.37
N VAL B 290 -14.78 2.44 -17.58
CA VAL B 290 -14.00 1.30 -18.04
C VAL B 290 -14.99 0.25 -18.56
N THR B 291 -16.23 0.34 -18.05
CA THR B 291 -17.32 -0.56 -18.41
C THR B 291 -18.47 0.25 -18.99
N TYR B 295 -14.79 4.64 -22.88
CA TYR B 295 -13.60 5.38 -22.45
C TYR B 295 -12.37 4.51 -22.20
N SER B 296 -11.29 4.82 -22.91
CA SER B 296 -10.04 4.11 -22.68
C SER B 296 -9.46 4.85 -21.47
N PHE B 297 -8.43 4.31 -20.85
CA PHE B 297 -7.86 5.00 -19.70
C PHE B 297 -7.39 6.41 -20.05
N ASN B 298 -6.78 6.59 -21.22
CA ASN B 298 -6.31 7.92 -21.61
C ASN B 298 -7.45 8.90 -21.82
N SER B 299 -8.59 8.41 -22.30
CA SER B 299 -9.74 9.27 -22.53
C SER B 299 -10.35 9.73 -21.21
N ILE B 300 -10.30 8.86 -20.21
CA ILE B 300 -10.84 9.20 -18.90
C ILE B 300 -10.03 10.36 -18.34
N ILE B 301 -8.73 10.36 -18.64
CA ILE B 301 -7.84 11.41 -18.17
C ILE B 301 -7.83 12.66 -19.03
N ARG B 302 -7.94 12.46 -20.34
CA ARG B 302 -7.94 13.60 -21.25
C ARG B 302 -9.06 14.55 -20.87
N ALA B 303 -10.21 13.99 -20.51
CA ALA B 303 -11.36 14.80 -20.09
C ALA B 303 -11.00 15.49 -18.78
N LEU B 304 -9.70 15.67 -18.57
CA LEU B 304 -9.16 16.28 -17.36
C LEU B 304 -7.80 16.93 -17.60
#